data_2OMV
#
_entry.id   2OMV
#
_cell.length_a   55.373
_cell.length_b   87.377
_cell.length_c   110.955
_cell.angle_alpha   90.000
_cell.angle_beta   90.000
_cell.angle_gamma   90.000
#
_symmetry.space_group_name_H-M   'P 21 21 21'
#
loop_
_entity.id
_entity.type
_entity.pdbx_description
1 polymer Internalin-A
2 polymer Epithelial-cadherin
3 non-polymer 'CALCIUM ION'
4 non-polymer 'CHLORIDE ION'
5 water water
#
loop_
_entity_poly.entity_id
_entity_poly.type
_entity_poly.pdbx_seq_one_letter_code
_entity_poly.pdbx_strand_id
1 'polypeptide(L)'
;ATITQDTPINQIFTDTALAEKMKTVLGKTNVTDTVSQTDLDQVTTLQADRLGIKSIDGVEYLNNLTQINFSNNQLTDITP
LKNLTKLVDILMNNNQIADITPLANLTNLTGLTLFNNQITDIDPLKNLTNLNRLELSSNTISDISALSGLTSLQQLNFGN
QVTDLKPLANLTTLERLDISSNKVSDISVLAKLTNLESLIATNNQISDITPLGILTNLDELSLNGNQLKDIGTLASLTNL
TDLDLANNQISNLAPLSGLTKLTELKLGANQISNISPLAGLTALTNLELNENQLEDISPISNLKNLTYLTLYFNNISDIS
PVSSLTKLQRLFFSNNKVSDVSSLANLTNINWLSAGHNQISDLTPLANLTRITQLGLNDQAWTNAPVNYKANVSIPNTVK
NVTGALIAPATISDGGSYTEPDITWNLPSYTNEVSYTFSQPVTIGKGTTTFSGTVTQPLKA
;
A
2 'polypeptide(L)'
;GPLGSWVIPPISCPENEKGPFPKNLVQIKSNKDKEGKVFYSITGQGADTPPVGVFIIERETGWLKVTEPLDRERIATYTL
FSHAVSSNGNAVEDPMEILITVTDQ
;
B
#
loop_
_chem_comp.id
_chem_comp.type
_chem_comp.name
_chem_comp.formula
CA non-polymer 'CALCIUM ION' 'Ca 2'
CL non-polymer 'CHLORIDE ION' 'Cl -1'
#
# COMPACT_ATOMS: atom_id res chain seq x y z
N ALA A 1 2.57 39.58 -21.33
CA ALA A 1 2.12 38.66 -22.43
C ALA A 1 0.66 38.90 -22.68
N THR A 2 0.39 39.61 -23.78
N THR A 2 0.38 39.60 -23.78
CA THR A 2 -0.97 39.98 -24.20
CA THR A 2 -0.99 39.97 -24.17
C THR A 2 -1.15 39.95 -25.73
C THR A 2 -1.17 39.95 -25.69
N ILE A 3 -2.22 39.26 -26.14
CA ILE A 3 -2.70 39.18 -27.49
CA ILE A 3 -2.55 39.28 -27.55
C ILE A 3 -3.27 40.59 -27.86
N THR A 4 -2.80 41.22 -28.93
CA THR A 4 -3.29 42.58 -29.33
C THR A 4 -4.26 42.62 -30.52
N GLN A 5 -4.54 41.41 -31.05
CA GLN A 5 -5.41 41.22 -32.20
CA GLN A 5 -5.40 41.20 -32.22
C GLN A 5 -6.08 39.86 -32.08
N ASP A 6 -7.25 39.69 -32.70
CA ASP A 6 -7.91 38.39 -32.64
CA ASP A 6 -7.98 38.40 -32.73
C ASP A 6 -7.07 37.31 -33.32
N THR A 7 -6.71 36.31 -32.52
CA THR A 7 -5.82 35.24 -32.89
C THR A 7 -6.50 33.87 -32.79
N PRO A 8 -6.35 33.00 -33.84
CA PRO A 8 -6.79 31.59 -33.76
C PRO A 8 -6.23 30.91 -32.51
N ILE A 9 -7.09 30.21 -31.78
CA ILE A 9 -6.71 29.49 -30.54
C ILE A 9 -5.43 28.64 -30.73
N ASN A 10 -5.38 27.84 -31.80
CA ASN A 10 -4.24 26.96 -32.06
C ASN A 10 -2.97 27.71 -32.49
N GLN A 11 -3.05 29.04 -32.67
CA GLN A 11 -1.83 29.87 -32.88
C GLN A 11 -1.24 30.40 -31.54
N ILE A 12 -2.05 30.30 -30.47
CA ILE A 12 -1.67 30.67 -29.11
C ILE A 12 -1.16 29.41 -28.39
N PHE A 13 -1.98 28.36 -28.43
CA PHE A 13 -1.70 27.06 -27.78
C PHE A 13 -1.30 26.08 -28.87
N THR A 14 -0.01 25.95 -29.06
CA THR A 14 0.55 25.16 -30.17
C THR A 14 0.44 23.64 -29.97
N ASP A 15 0.36 23.20 -28.73
CA ASP A 15 0.13 21.81 -28.42
C ASP A 15 -1.32 21.48 -28.85
N THR A 16 -1.46 20.40 -29.61
CA THR A 16 -2.76 19.95 -30.15
C THR A 16 -3.80 19.73 -29.04
N ALA A 17 -3.37 19.01 -27.99
CA ALA A 17 -4.20 18.68 -26.86
C ALA A 17 -4.63 19.90 -26.09
N LEU A 18 -3.71 20.83 -25.83
CA LEU A 18 -4.06 22.07 -25.11
C LEU A 18 -4.99 22.98 -25.96
N ALA A 19 -4.75 23.08 -27.29
CA ALA A 19 -5.64 23.86 -28.18
C ALA A 19 -7.10 23.37 -28.13
N GLU A 20 -7.28 22.03 -28.16
N GLU A 20 -7.29 22.03 -28.16
CA GLU A 20 -8.60 21.37 -28.03
CA GLU A 20 -8.63 21.41 -28.04
C GLU A 20 -9.28 21.73 -26.70
C GLU A 20 -9.30 21.73 -26.70
N LYS A 21 -8.51 21.67 -25.62
CA LYS A 21 -8.98 21.99 -24.26
C LYS A 21 -9.39 23.48 -24.13
N MET A 22 -8.52 24.35 -24.63
CA MET A 22 -8.74 25.79 -24.57
C MET A 22 -9.95 26.22 -25.38
N LYS A 23 -10.16 25.54 -26.51
CA LYS A 23 -11.31 25.77 -27.38
C LYS A 23 -12.59 25.62 -26.55
N THR A 24 -12.69 24.50 -25.84
CA THR A 24 -13.82 24.18 -24.95
C THR A 24 -13.93 25.25 -23.83
N VAL A 25 -12.78 25.52 -23.14
CA VAL A 25 -12.73 26.48 -22.00
C VAL A 25 -13.20 27.89 -22.37
N LEU A 26 -12.81 28.33 -23.57
CA LEU A 26 -13.13 29.68 -24.07
C LEU A 26 -14.48 29.77 -24.79
N GLY A 27 -15.25 28.67 -24.75
CA GLY A 27 -16.60 28.55 -25.33
C GLY A 27 -16.65 28.67 -26.85
N LYS A 28 -15.56 28.25 -27.51
CA LYS A 28 -15.50 28.30 -28.98
C LYS A 28 -15.89 26.95 -29.59
N THR A 29 -16.06 26.96 -30.91
CA THR A 29 -16.54 25.81 -31.71
C THR A 29 -15.43 25.00 -32.43
N ASN A 30 -14.43 25.74 -32.95
N ASN A 30 -14.43 25.72 -32.97
CA ASN A 30 -13.27 25.21 -33.69
CA ASN A 30 -13.28 25.10 -33.64
C ASN A 30 -11.97 25.70 -33.08
C ASN A 30 -11.96 25.69 -33.12
N VAL A 31 -10.90 24.86 -33.11
CA VAL A 31 -9.53 25.30 -32.59
C VAL A 31 -8.94 26.50 -33.36
N THR A 32 -9.44 26.72 -34.59
CA THR A 32 -9.05 27.88 -35.41
C THR A 32 -9.87 29.17 -35.11
N ASP A 33 -10.97 29.04 -34.34
CA ASP A 33 -11.75 30.23 -33.89
C ASP A 33 -10.84 31.22 -33.21
N THR A 34 -11.12 32.50 -33.43
CA THR A 34 -10.31 33.58 -32.89
CA THR A 34 -10.34 33.59 -32.90
C THR A 34 -10.80 34.00 -31.48
N VAL A 35 -9.86 34.51 -30.69
CA VAL A 35 -10.08 35.01 -29.34
C VAL A 35 -9.28 36.28 -29.17
N SER A 36 -9.66 37.08 -28.20
CA SER A 36 -8.98 38.28 -27.85
C SER A 36 -8.42 38.11 -26.44
N GLN A 37 -7.61 39.08 -26.00
CA GLN A 37 -7.11 39.12 -24.64
C GLN A 37 -8.28 39.13 -23.59
N THR A 38 -9.36 39.89 -23.87
N THR A 38 -9.35 39.89 -23.86
CA THR A 38 -10.57 39.95 -22.98
CA THR A 38 -10.55 39.94 -22.97
C THR A 38 -11.19 38.56 -22.72
C THR A 38 -11.07 38.51 -22.69
N ASP A 39 -11.20 37.71 -23.75
CA ASP A 39 -11.59 36.27 -23.61
C ASP A 39 -10.58 35.52 -22.68
N LEU A 40 -9.28 35.70 -22.95
CA LEU A 40 -8.23 34.99 -22.18
C LEU A 40 -8.15 35.43 -20.72
N ASP A 41 -8.37 36.72 -20.49
CA ASP A 41 -8.42 37.33 -19.16
C ASP A 41 -9.49 36.75 -18.24
N GLN A 42 -10.50 36.11 -18.83
CA GLN A 42 -11.62 35.50 -18.07
C GLN A 42 -11.27 34.15 -17.49
N VAL A 43 -10.17 33.54 -17.95
CA VAL A 43 -9.76 32.22 -17.48
C VAL A 43 -8.97 32.38 -16.17
N THR A 44 -9.56 31.96 -15.05
CA THR A 44 -8.88 32.04 -13.74
C THR A 44 -8.51 30.67 -13.16
N THR A 45 -9.15 29.62 -13.68
N THR A 45 -9.13 29.63 -13.73
CA THR A 45 -8.82 28.24 -13.30
CA THR A 45 -8.99 28.23 -13.31
C THR A 45 -8.76 27.37 -14.55
C THR A 45 -8.89 27.29 -14.53
N LEU A 46 -8.00 26.28 -14.46
CA LEU A 46 -7.81 25.35 -15.57
C LEU A 46 -7.56 23.92 -15.08
N GLN A 47 -8.49 23.01 -15.40
CA GLN A 47 -8.32 21.59 -15.02
C GLN A 47 -7.99 20.87 -16.30
N ALA A 48 -6.70 20.70 -16.55
CA ALA A 48 -6.21 20.12 -17.81
C ALA A 48 -5.31 18.88 -17.59
N ASP A 49 -5.68 18.10 -16.58
CA ASP A 49 -4.95 16.87 -16.25
C ASP A 49 -5.32 15.78 -17.22
N ARG A 50 -4.40 14.84 -17.44
CA ARG A 50 -4.67 13.58 -18.16
C ARG A 50 -5.05 13.76 -19.64
N LEU A 51 -4.48 14.77 -20.26
CA LEU A 51 -4.85 15.10 -21.66
C LEU A 51 -3.73 14.86 -22.67
N GLY A 52 -2.61 14.26 -22.23
CA GLY A 52 -1.47 14.01 -23.12
C GLY A 52 -0.84 15.30 -23.66
N ILE A 53 -0.84 16.34 -22.81
CA ILE A 53 -0.23 17.63 -23.17
C ILE A 53 1.29 17.52 -23.04
N LYS A 54 2.01 17.99 -24.07
CA LYS A 54 3.49 17.97 -24.09
C LYS A 54 4.08 19.36 -23.91
N SER A 55 3.28 20.40 -24.12
CA SER A 55 3.74 21.77 -24.07
C SER A 55 2.63 22.68 -23.63
N ILE A 56 2.96 23.58 -22.70
CA ILE A 56 2.00 24.63 -22.22
C ILE A 56 2.25 26.00 -22.87
N ASP A 57 2.98 26.02 -23.99
CA ASP A 57 3.13 27.27 -24.75
C ASP A 57 1.73 27.87 -24.93
N GLY A 58 1.62 29.16 -24.62
CA GLY A 58 0.36 29.88 -24.69
C GLY A 58 -0.30 30.19 -23.37
N VAL A 59 0.04 29.45 -22.31
N VAL A 59 0.03 29.46 -22.29
CA VAL A 59 -0.54 29.67 -20.96
CA VAL A 59 -0.60 29.74 -20.95
C VAL A 59 -0.15 31.06 -20.38
C VAL A 59 -0.15 31.08 -20.35
N GLU A 60 1.02 31.58 -20.79
CA GLU A 60 1.53 32.93 -20.38
C GLU A 60 0.53 34.09 -20.60
N TYR A 61 -0.40 33.91 -21.55
CA TYR A 61 -1.47 34.88 -21.91
C TYR A 61 -2.69 34.77 -21.00
N LEU A 62 -2.75 33.69 -20.23
CA LEU A 62 -3.83 33.51 -19.26
C LEU A 62 -3.38 34.17 -17.95
N ASN A 63 -3.21 35.50 -18.01
CA ASN A 63 -2.69 36.35 -16.93
C ASN A 63 -3.44 36.27 -15.59
N ASN A 64 -4.71 35.89 -15.63
CA ASN A 64 -5.50 35.85 -14.40
C ASN A 64 -5.67 34.46 -13.74
N LEU A 65 -4.89 33.49 -14.20
CA LEU A 65 -4.90 32.15 -13.60
C LEU A 65 -4.49 32.17 -12.15
N THR A 66 -5.29 31.49 -11.32
CA THR A 66 -4.99 31.36 -9.90
C THR A 66 -4.76 29.90 -9.52
N GLN A 67 -5.40 28.96 -10.26
CA GLN A 67 -5.30 27.53 -9.95
CA GLN A 67 -5.32 27.52 -9.96
C GLN A 67 -5.27 26.74 -11.26
N ILE A 68 -4.27 25.88 -11.36
CA ILE A 68 -4.06 25.02 -12.53
C ILE A 68 -3.84 23.55 -12.16
N ASN A 69 -4.42 22.65 -12.97
CA ASN A 69 -4.10 21.25 -12.88
C ASN A 69 -3.54 20.78 -14.23
N PHE A 70 -2.25 20.47 -14.25
CA PHE A 70 -1.57 19.88 -15.43
C PHE A 70 -0.92 18.56 -15.06
N SER A 71 -1.40 17.93 -13.98
CA SER A 71 -0.91 16.62 -13.56
C SER A 71 -1.14 15.52 -14.64
N ASN A 72 -0.30 14.46 -14.64
CA ASN A 72 -0.54 13.29 -15.54
C ASN A 72 -0.55 13.71 -17.01
N ASN A 73 0.46 14.49 -17.37
CA ASN A 73 0.68 14.92 -18.76
C ASN A 73 2.13 14.51 -19.15
N GLN A 74 2.67 15.08 -20.23
CA GLN A 74 4.00 14.78 -20.73
CA GLN A 74 4.06 14.78 -20.62
C GLN A 74 4.85 16.07 -20.72
N LEU A 75 4.64 16.92 -19.70
CA LEU A 75 5.37 18.20 -19.63
C LEU A 75 6.84 18.05 -19.29
N THR A 76 7.67 18.85 -19.94
N THR A 76 7.70 18.82 -19.96
CA THR A 76 9.11 18.91 -19.67
CA THR A 76 9.14 18.89 -19.61
C THR A 76 9.39 20.37 -19.31
C THR A 76 9.48 20.37 -19.31
N ASP A 77 9.33 21.25 -20.30
CA ASP A 77 9.56 22.70 -20.14
C ASP A 77 8.32 23.35 -19.53
N ILE A 78 8.51 24.10 -18.45
CA ILE A 78 7.40 24.82 -17.80
C ILE A 78 7.63 26.34 -17.78
N THR A 79 8.56 26.80 -18.63
CA THR A 79 8.83 28.27 -18.83
C THR A 79 7.56 29.17 -18.95
N PRO A 80 6.49 28.72 -19.68
CA PRO A 80 5.32 29.63 -19.76
C PRO A 80 4.63 30.03 -18.43
N LEU A 81 4.98 29.37 -17.31
CA LEU A 81 4.41 29.75 -15.99
C LEU A 81 5.13 30.94 -15.30
N LYS A 82 6.32 31.30 -15.81
CA LYS A 82 7.23 32.30 -15.17
CA LYS A 82 7.23 32.29 -15.19
C LYS A 82 6.55 33.58 -14.63
N ASN A 83 5.66 34.19 -15.42
CA ASN A 83 5.03 35.47 -15.02
C ASN A 83 3.59 35.42 -14.54
N LEU A 84 3.08 34.21 -14.27
CA LEU A 84 1.69 34.04 -13.82
C LEU A 84 1.63 34.13 -12.30
N THR A 85 1.88 35.33 -11.78
CA THR A 85 2.10 35.55 -10.32
C THR A 85 0.83 35.53 -9.46
N LYS A 86 -0.35 35.45 -10.10
CA LYS A 86 -1.62 35.30 -9.37
C LYS A 86 -1.86 33.81 -8.98
N LEU A 87 -1.01 32.90 -9.51
CA LEU A 87 -1.13 31.47 -9.22
C LEU A 87 -0.93 31.22 -7.74
N VAL A 88 -1.89 30.51 -7.16
N VAL A 88 -1.87 30.48 -7.19
CA VAL A 88 -1.84 30.10 -5.74
CA VAL A 88 -1.86 30.11 -5.79
C VAL A 88 -1.77 28.55 -5.59
C VAL A 88 -1.69 28.57 -5.64
N ASP A 89 -2.21 27.82 -6.62
CA ASP A 89 -2.18 26.34 -6.57
C ASP A 89 -1.81 25.73 -7.90
N ILE A 90 -0.77 24.89 -7.87
CA ILE A 90 -0.35 24.16 -9.03
C ILE A 90 -0.37 22.62 -8.75
N LEU A 91 -1.11 21.87 -9.56
CA LEU A 91 -1.03 20.40 -9.57
C LEU A 91 -0.28 19.97 -10.84
N MET A 92 0.88 19.39 -10.64
CA MET A 92 1.77 19.04 -11.74
C MET A 92 2.57 17.76 -11.49
N ASN A 93 2.04 16.92 -10.60
CA ASN A 93 2.55 15.56 -10.40
C ASN A 93 2.48 14.72 -11.70
N ASN A 94 3.41 13.76 -11.84
N ASN A 94 3.40 13.77 -11.86
CA ASN A 94 3.45 12.81 -12.99
CA ASN A 94 3.40 12.82 -13.03
C ASN A 94 3.61 13.53 -14.35
C ASN A 94 3.63 13.49 -14.41
N ASN A 95 4.78 14.13 -14.54
CA ASN A 95 5.17 14.76 -15.78
C ASN A 95 6.64 14.36 -15.93
N GLN A 96 7.41 15.10 -16.70
N GLN A 96 7.41 15.09 -16.72
CA GLN A 96 8.84 14.81 -16.95
CA GLN A 96 8.83 14.80 -16.93
C GLN A 96 9.66 16.07 -16.68
C GLN A 96 9.61 16.12 -16.74
N ILE A 97 9.24 16.84 -15.67
CA ILE A 97 9.85 18.13 -15.32
C ILE A 97 11.17 17.91 -14.57
N ALA A 98 12.22 18.61 -15.00
CA ALA A 98 13.53 18.59 -14.35
C ALA A 98 13.83 19.99 -13.82
N ASP A 99 13.62 20.98 -14.68
CA ASP A 99 13.91 22.37 -14.41
C ASP A 99 12.68 23.12 -13.84
N ILE A 100 12.72 23.47 -12.55
CA ILE A 100 11.61 24.25 -11.94
C ILE A 100 11.95 25.74 -11.71
N THR A 101 13.06 26.23 -12.31
CA THR A 101 13.44 27.66 -12.27
CA THR A 101 13.43 27.68 -12.25
C THR A 101 12.23 28.58 -12.65
N PRO A 102 11.38 28.17 -13.67
CA PRO A 102 10.21 29.04 -13.93
C PRO A 102 9.25 29.29 -12.74
N LEU A 103 9.34 28.50 -11.66
CA LEU A 103 8.46 28.67 -10.47
C LEU A 103 9.01 29.70 -9.49
N ALA A 104 10.24 30.14 -9.74
CA ALA A 104 11.01 30.95 -8.76
C ALA A 104 10.32 32.19 -8.21
N ASN A 105 9.49 32.85 -9.03
CA ASN A 105 8.84 34.11 -8.65
CA ASN A 105 8.86 34.10 -8.61
C ASN A 105 7.33 34.02 -8.42
N LEU A 106 6.80 32.79 -8.30
CA LEU A 106 5.37 32.56 -8.04
C LEU A 106 5.15 32.58 -6.52
N THR A 107 5.39 33.75 -5.93
CA THR A 107 5.40 33.94 -4.45
C THR A 107 4.03 33.82 -3.74
N ASN A 108 2.93 33.92 -4.50
CA ASN A 108 1.60 33.72 -3.94
C ASN A 108 1.17 32.26 -3.86
N LEU A 109 2.04 31.35 -4.30
CA LEU A 109 1.75 29.89 -4.17
C LEU A 109 1.57 29.44 -2.74
N THR A 110 0.43 28.77 -2.48
CA THR A 110 0.15 28.14 -1.19
C THR A 110 0.16 26.61 -1.35
N GLY A 111 -0.06 26.12 -2.58
CA GLY A 111 -0.02 24.66 -2.85
C GLY A 111 0.77 24.35 -4.12
N LEU A 112 1.74 23.46 -4.01
CA LEU A 112 2.56 23.05 -5.16
C LEU A 112 2.81 21.53 -5.14
N THR A 113 2.26 20.85 -6.13
CA THR A 113 2.33 19.38 -6.23
C THR A 113 3.27 19.00 -7.37
N LEU A 114 4.40 18.39 -7.04
CA LEU A 114 5.39 18.06 -8.08
C LEU A 114 5.92 16.65 -8.00
N PHE A 115 5.20 15.78 -7.28
CA PHE A 115 5.73 14.41 -7.11
C PHE A 115 5.75 13.62 -8.42
N ASN A 116 6.65 12.63 -8.52
CA ASN A 116 6.77 11.86 -9.77
C ASN A 116 7.13 12.74 -10.99
N ASN A 117 8.29 13.37 -10.90
CA ASN A 117 8.89 14.11 -11.96
C ASN A 117 10.37 13.68 -12.03
N GLN A 118 11.25 14.55 -12.56
CA GLN A 118 12.68 14.25 -12.65
CA GLN A 118 12.68 14.26 -12.68
C GLN A 118 13.49 15.42 -12.05
N ILE A 119 12.98 15.95 -10.94
CA ILE A 119 13.59 17.09 -10.25
C ILE A 119 14.75 16.64 -9.35
N THR A 120 15.88 17.36 -9.44
CA THR A 120 17.02 17.22 -8.49
C THR A 120 17.19 18.52 -7.71
N ASP A 121 17.21 19.64 -8.43
CA ASP A 121 17.48 20.98 -7.89
C ASP A 121 16.20 21.71 -7.47
N ILE A 122 16.02 21.90 -6.16
CA ILE A 122 14.81 22.62 -5.67
C ILE A 122 15.13 24.01 -5.16
N ASP A 123 16.35 24.49 -5.47
CA ASP A 123 16.72 25.88 -5.13
C ASP A 123 15.66 26.92 -5.59
N PRO A 124 15.02 26.74 -6.80
CA PRO A 124 13.94 27.69 -7.20
C PRO A 124 12.70 27.79 -6.30
N LEU A 125 12.55 26.88 -5.32
CA LEU A 125 11.45 26.97 -4.33
C LEU A 125 11.74 27.86 -3.15
N LYS A 126 12.99 28.35 -3.03
CA LYS A 126 13.45 28.98 -1.76
C LYS A 126 12.71 30.25 -1.33
N ASN A 127 12.12 30.96 -2.29
CA ASN A 127 11.36 32.20 -1.99
C ASN A 127 9.86 32.02 -1.93
N LEU A 128 9.40 30.77 -2.12
CA LEU A 128 7.96 30.49 -2.12
C LEU A 128 7.44 30.33 -0.67
N THR A 129 7.67 31.37 0.11
CA THR A 129 7.41 31.35 1.57
C THR A 129 5.93 31.25 1.97
N ASN A 130 5.00 31.42 1.02
CA ASN A 130 3.57 31.24 1.36
C ASN A 130 3.06 29.78 1.22
N LEU A 131 3.95 28.86 0.81
CA LEU A 131 3.53 27.49 0.62
C LEU A 131 3.07 26.87 1.93
N ASN A 132 1.93 26.20 1.89
CA ASN A 132 1.51 25.36 3.03
C ASN A 132 1.43 23.89 2.65
N ARG A 133 1.39 23.61 1.34
CA ARG A 133 1.41 22.20 0.83
C ARG A 133 2.42 22.09 -0.28
N LEU A 134 3.36 21.18 -0.10
CA LEU A 134 4.42 20.99 -1.07
C LEU A 134 4.72 19.49 -1.15
N GLU A 135 4.64 18.94 -2.37
CA GLU A 135 4.84 17.50 -2.60
C GLU A 135 5.94 17.29 -3.63
N LEU A 136 7.02 16.66 -3.19
CA LEU A 136 8.20 16.43 -4.02
C LEU A 136 8.70 14.96 -4.07
N SER A 137 7.90 14.03 -3.55
CA SER A 137 8.31 12.58 -3.53
C SER A 137 8.50 12.05 -4.96
N SER A 138 9.22 10.92 -5.10
CA SER A 138 9.49 10.31 -6.43
C SER A 138 10.14 11.30 -7.40
N ASN A 139 11.13 12.02 -6.87
CA ASN A 139 12.04 12.84 -7.65
C ASN A 139 13.40 12.32 -7.22
N THR A 140 14.47 13.02 -7.58
CA THR A 140 15.82 12.58 -7.21
C THR A 140 16.54 13.70 -6.43
N ILE A 141 15.84 14.24 -5.43
CA ILE A 141 16.34 15.33 -4.60
C ILE A 141 17.24 14.74 -3.51
N SER A 142 18.43 15.35 -3.30
CA SER A 142 19.30 14.97 -2.16
C SER A 142 19.46 16.11 -1.17
N ASP A 143 19.34 17.34 -1.65
CA ASP A 143 19.57 18.54 -0.87
C ASP A 143 18.27 19.32 -0.68
N ILE A 144 17.84 19.42 0.57
CA ILE A 144 16.58 20.16 0.90
C ILE A 144 16.80 21.53 1.58
N SER A 145 18.00 22.10 1.43
CA SER A 145 18.31 23.44 1.96
C SER A 145 17.26 24.50 1.59
N ALA A 146 16.72 24.42 0.35
CA ALA A 146 15.72 25.43 -0.15
C ALA A 146 14.43 25.46 0.65
N LEU A 147 14.17 24.37 1.42
CA LEU A 147 12.99 24.30 2.24
C LEU A 147 13.12 25.08 3.53
N SER A 148 14.35 25.45 3.91
CA SER A 148 14.58 26.02 5.28
C SER A 148 13.77 27.28 5.63
N GLY A 149 13.46 28.11 4.63
CA GLY A 149 12.66 29.34 4.84
C GLY A 149 11.17 29.22 4.61
N LEU A 150 10.70 27.99 4.29
CA LEU A 150 9.29 27.76 3.97
C LEU A 150 8.48 27.49 5.23
N THR A 151 8.39 28.52 6.06
CA THR A 151 7.83 28.45 7.42
C THR A 151 6.30 28.49 7.54
N SER A 152 5.58 28.35 6.42
CA SER A 152 4.13 28.16 6.52
C SER A 152 3.75 26.71 6.14
N LEU A 153 4.73 25.87 5.79
CA LEU A 153 4.47 24.49 5.39
C LEU A 153 3.73 23.70 6.46
N GLN A 154 2.65 23.05 6.02
CA GLN A 154 1.83 22.18 6.87
C GLN A 154 1.90 20.72 6.42
N GLN A 155 2.05 20.53 5.11
CA GLN A 155 2.05 19.21 4.47
C GLN A 155 3.22 19.14 3.54
N LEU A 156 4.05 18.14 3.77
CA LEU A 156 5.28 18.07 3.02
C LEU A 156 5.72 16.67 2.77
N ASN A 157 6.19 16.44 1.56
CA ASN A 157 6.92 15.21 1.26
C ASN A 157 8.04 15.50 0.25
N PHE A 158 9.01 14.61 0.20
CA PHE A 158 10.15 14.74 -0.75
C PHE A 158 10.89 13.45 -0.87
N GLY A 159 11.66 13.32 -1.97
CA GLY A 159 12.45 12.10 -2.20
C GLY A 159 13.35 12.25 -3.41
N ASN A 160 14.27 11.29 -3.67
CA ASN A 160 14.45 10.07 -2.87
CA ASN A 160 14.45 10.08 -2.86
C ASN A 160 15.89 9.84 -2.37
N GLN A 161 16.66 10.92 -2.31
CA GLN A 161 18.11 10.83 -1.96
C GLN A 161 18.51 11.66 -0.76
N VAL A 162 17.55 12.04 0.05
CA VAL A 162 17.83 12.94 1.15
C VAL A 162 18.41 12.16 2.36
N THR A 163 19.54 12.65 2.90
N THR A 163 19.53 12.65 2.88
CA THR A 163 20.08 12.09 4.17
CA THR A 163 20.14 12.12 4.11
C THR A 163 20.08 13.10 5.32
C THR A 163 19.95 13.11 5.27
N ASP A 164 20.16 14.40 4.96
CA ASP A 164 20.27 15.48 5.91
C ASP A 164 18.97 16.23 6.08
N LEU A 165 18.33 16.01 7.22
CA LEU A 165 17.02 16.64 7.52
C LEU A 165 17.11 17.98 8.26
N LYS A 166 18.35 18.43 8.55
N LYS A 166 18.33 18.45 8.55
CA LYS A 166 18.61 19.72 9.23
CA LYS A 166 18.54 19.73 9.26
C LYS A 166 17.75 20.94 8.71
C LYS A 166 17.73 20.96 8.71
N PRO A 167 17.58 21.11 7.35
CA PRO A 167 16.73 22.28 6.87
C PRO A 167 15.26 22.34 7.32
N LEU A 168 14.77 21.27 7.97
CA LEU A 168 13.40 21.22 8.50
C LEU A 168 13.25 21.89 9.87
N ALA A 169 14.38 22.20 10.54
CA ALA A 169 14.42 22.67 11.95
C ALA A 169 13.44 23.79 12.30
N ASN A 170 13.34 24.80 11.44
CA ASN A 170 12.43 25.94 11.67
C ASN A 170 10.99 25.81 11.10
N LEU A 171 10.64 24.65 10.53
CA LEU A 171 9.32 24.49 9.90
C LEU A 171 8.31 23.91 10.92
N THR A 172 8.16 24.62 12.01
CA THR A 172 7.34 24.15 13.14
C THR A 172 5.82 24.15 12.86
N THR A 173 5.41 24.76 11.73
CA THR A 173 3.99 24.68 11.28
C THR A 173 3.65 23.29 10.69
N LEU A 174 4.67 22.46 10.40
CA LEU A 174 4.47 21.11 9.86
C LEU A 174 3.54 20.23 10.71
N GLU A 175 2.54 19.67 10.02
CA GLU A 175 1.53 18.79 10.62
C GLU A 175 1.53 17.40 10.02
N ARG A 176 1.89 17.28 8.74
CA ARG A 176 1.85 16.00 8.01
C ARG A 176 3.13 15.91 7.15
N LEU A 177 3.99 14.96 7.51
CA LEU A 177 5.28 14.82 6.86
C LEU A 177 5.51 13.41 6.38
N ASP A 178 5.97 13.30 5.13
CA ASP A 178 6.31 11.99 4.57
C ASP A 178 7.75 12.01 3.99
N ILE A 179 8.63 11.30 4.67
CA ILE A 179 10.05 11.21 4.32
C ILE A 179 10.46 9.81 3.90
N SER A 180 9.46 8.97 3.54
CA SER A 180 9.70 7.58 3.11
C SER A 180 10.67 7.51 1.93
N SER A 181 11.45 6.42 1.93
CA SER A 181 12.33 6.03 0.78
C SER A 181 13.42 7.03 0.47
N ASN A 182 13.97 7.62 1.53
CA ASN A 182 15.14 8.46 1.41
C ASN A 182 16.34 7.64 1.94
N LYS A 183 17.41 8.28 2.38
N LYS A 183 17.41 8.32 2.36
CA LYS A 183 18.56 7.55 3.00
CA LYS A 183 18.59 7.69 2.96
C LYS A 183 18.75 8.01 4.45
C LYS A 183 18.73 8.27 4.36
N VAL A 184 17.63 8.31 5.11
CA VAL A 184 17.62 8.94 6.44
C VAL A 184 17.89 7.95 7.55
N SER A 185 18.86 8.27 8.38
CA SER A 185 19.06 7.53 9.62
C SER A 185 18.80 8.47 10.79
N ASP A 186 19.24 9.72 10.67
CA ASP A 186 19.16 10.66 11.77
C ASP A 186 17.89 11.52 11.71
N ILE A 187 16.95 11.23 12.59
CA ILE A 187 15.69 12.01 12.66
C ILE A 187 15.61 12.94 13.87
N SER A 188 16.77 13.27 14.47
CA SER A 188 16.80 14.22 15.63
C SER A 188 16.09 15.55 15.37
N VAL A 189 16.09 16.01 14.10
CA VAL A 189 15.48 17.33 13.80
C VAL A 189 13.97 17.31 14.01
N LEU A 190 13.35 16.11 13.88
CA LEU A 190 11.89 15.94 14.02
C LEU A 190 11.39 16.31 15.39
N ALA A 191 12.25 16.20 16.42
CA ALA A 191 11.90 16.64 17.78
C ALA A 191 11.46 18.12 17.81
N LYS A 192 11.93 18.92 16.82
CA LYS A 192 11.54 20.33 16.71
C LYS A 192 10.13 20.52 16.19
N LEU A 193 9.59 19.52 15.50
CA LEU A 193 8.30 19.61 14.78
C LEU A 193 7.16 19.15 15.65
N THR A 194 6.97 19.89 16.74
CA THR A 194 6.02 19.49 17.80
C THR A 194 4.53 19.50 17.35
N ASN A 195 4.22 20.07 16.19
CA ASN A 195 2.85 20.07 15.70
C ASN A 195 2.54 18.89 14.79
N LEU A 196 3.54 18.03 14.55
CA LEU A 196 3.32 16.83 13.71
C LEU A 196 2.19 15.96 14.22
N GLU A 197 1.32 15.59 13.28
CA GLU A 197 0.15 14.74 13.54
C GLU A 197 0.28 13.41 12.81
N SER A 198 0.98 13.47 11.69
CA SER A 198 1.19 12.33 10.87
C SER A 198 2.61 12.37 10.38
N LEU A 199 3.33 11.27 10.64
CA LEU A 199 4.71 11.09 10.19
C LEU A 199 4.85 9.72 9.51
N ILE A 200 5.19 9.75 8.22
CA ILE A 200 5.41 8.54 7.40
C ILE A 200 6.88 8.57 7.05
N ALA A 201 7.61 7.52 7.48
CA ALA A 201 9.06 7.40 7.25
C ALA A 201 9.48 5.97 6.92
N THR A 202 8.71 5.32 6.03
CA THR A 202 8.96 3.93 5.66
C THR A 202 10.23 3.80 4.86
N ASN A 203 10.84 2.60 4.89
CA ASN A 203 12.01 2.33 3.98
C ASN A 203 13.15 3.32 4.10
N ASN A 204 13.61 3.53 5.33
CA ASN A 204 14.76 4.36 5.63
C ASN A 204 15.80 3.53 6.42
N GLN A 205 16.72 4.17 7.13
N GLN A 205 16.73 4.20 7.12
CA GLN A 205 17.72 3.44 7.91
CA GLN A 205 17.79 3.55 7.90
C GLN A 205 17.71 3.92 9.37
C GLN A 205 17.72 3.94 9.38
N ILE A 206 16.51 4.16 9.89
CA ILE A 206 16.30 4.65 11.24
C ILE A 206 16.34 3.56 12.29
N SER A 207 17.16 3.76 13.31
CA SER A 207 17.23 2.83 14.46
C SER A 207 16.91 3.54 15.78
N ASP A 208 17.13 4.87 15.81
CA ASP A 208 16.90 5.67 17.01
C ASP A 208 15.64 6.53 16.85
N ILE A 209 14.59 6.20 17.60
CA ILE A 209 13.34 7.00 17.55
C ILE A 209 13.11 7.87 18.77
N THR A 210 14.13 7.97 19.64
CA THR A 210 14.04 8.92 20.82
C THR A 210 13.64 10.38 20.41
N PRO A 211 14.06 10.89 19.20
CA PRO A 211 13.52 12.24 18.84
C PRO A 211 11.97 12.40 18.81
N LEU A 212 11.23 11.29 18.67
CA LEU A 212 9.76 11.37 18.56
C LEU A 212 9.07 11.59 19.91
N GLY A 213 9.81 11.45 21.01
CA GLY A 213 9.24 11.48 22.38
C GLY A 213 8.29 12.59 22.68
N ILE A 214 8.65 13.80 22.24
CA ILE A 214 7.79 14.96 22.56
C ILE A 214 6.74 15.29 21.47
N LEU A 215 6.68 14.44 20.44
CA LEU A 215 5.71 14.64 19.33
C LEU A 215 4.35 14.03 19.70
N THR A 216 3.78 14.52 20.80
CA THR A 216 2.59 13.89 21.39
C THR A 216 1.29 14.12 20.63
N ASN A 217 1.28 15.04 19.65
CA ASN A 217 0.14 15.23 18.74
C ASN A 217 0.08 14.19 17.61
N LEU A 218 1.08 13.29 17.53
CA LEU A 218 1.07 12.23 16.51
C LEU A 218 -0.12 11.29 16.72
N ASP A 219 -0.90 11.11 15.66
CA ASP A 219 -2.03 10.16 15.65
C ASP A 219 -1.77 9.05 14.64
N GLU A 220 -0.82 9.28 13.73
CA GLU A 220 -0.47 8.36 12.67
C GLU A 220 1.04 8.26 12.52
N LEU A 221 1.59 7.04 12.61
CA LEU A 221 3.04 6.89 12.48
C LEU A 221 3.38 5.62 11.75
N SER A 222 4.22 5.76 10.73
CA SER A 222 4.69 4.59 10.01
C SER A 222 6.22 4.61 9.93
N LEU A 223 6.83 3.58 10.54
CA LEU A 223 8.26 3.35 10.49
C LEU A 223 8.57 1.97 9.87
N ASN A 224 7.64 1.52 9.03
CA ASN A 224 7.75 0.27 8.28
C ASN A 224 9.11 0.20 7.53
N GLY A 225 9.83 -0.90 7.73
CA GLY A 225 11.08 -1.14 7.04
C GLY A 225 12.17 -0.15 7.45
N ASN A 226 12.52 -0.18 8.73
CA ASN A 226 13.75 0.43 9.19
C ASN A 226 14.62 -0.54 10.00
N GLN A 227 15.31 -0.01 11.01
CA GLN A 227 16.18 -0.83 11.86
CA GLN A 227 16.17 -0.83 11.87
C GLN A 227 15.80 -0.64 13.34
N LEU A 228 14.50 -0.59 13.60
CA LEU A 228 14.05 -0.36 14.96
C LEU A 228 14.14 -1.58 15.82
N LYS A 229 14.48 -1.36 17.10
CA LYS A 229 14.38 -2.44 18.12
C LYS A 229 13.77 -1.89 19.37
N ASP A 230 14.46 -0.92 19.99
CA ASP A 230 13.96 -0.26 21.19
C ASP A 230 12.90 0.74 20.76
N ILE A 231 11.65 0.42 21.09
CA ILE A 231 10.49 1.29 20.85
C ILE A 231 9.91 1.93 22.15
N GLY A 232 10.73 1.99 23.22
CA GLY A 232 10.31 2.58 24.52
C GLY A 232 9.67 3.96 24.40
N THR A 233 10.21 4.76 23.46
CA THR A 233 9.74 6.13 23.20
C THR A 233 8.25 6.20 22.84
N LEU A 234 7.78 5.17 22.11
CA LEU A 234 6.36 5.12 21.70
C LEU A 234 5.35 5.22 22.83
N ALA A 235 5.73 4.83 24.06
CA ALA A 235 4.78 4.94 25.21
C ALA A 235 4.27 6.39 25.44
N SER A 236 5.06 7.39 25.01
CA SER A 236 4.69 8.81 25.11
C SER A 236 3.59 9.28 24.14
N LEU A 237 3.38 8.52 23.09
CA LEU A 237 2.55 8.95 21.97
C LEU A 237 1.16 8.40 22.10
N THR A 238 0.50 8.83 23.14
CA THR A 238 -0.80 8.29 23.55
C THR A 238 -1.95 8.63 22.62
N ASN A 239 -1.72 9.55 21.68
CA ASN A 239 -2.76 9.88 20.69
C ASN A 239 -2.72 9.04 19.40
N LEU A 240 -1.75 8.13 19.32
CA LEU A 240 -1.63 7.25 18.16
C LEU A 240 -2.87 6.36 17.95
N THR A 241 -3.38 6.37 16.71
CA THR A 241 -4.52 5.50 16.31
C THR A 241 -4.10 4.54 15.21
N ASP A 242 -3.01 4.87 14.48
CA ASP A 242 -2.54 4.07 13.36
C ASP A 242 -1.03 4.00 13.40
N LEU A 243 -0.51 2.78 13.61
CA LEU A 243 0.90 2.60 13.85
C LEU A 243 1.46 1.45 13.04
N ASP A 244 2.51 1.73 12.25
CA ASP A 244 3.07 0.70 11.36
C ASP A 244 4.54 0.57 11.70
N LEU A 245 4.87 -0.59 12.27
CA LEU A 245 6.24 -0.93 12.65
C LEU A 245 6.74 -2.20 12.02
N ALA A 246 6.13 -2.60 10.91
CA ALA A 246 6.51 -3.83 10.20
C ALA A 246 7.92 -3.76 9.60
N ASN A 247 8.56 -4.94 9.46
CA ASN A 247 9.88 -5.00 8.81
C ASN A 247 10.95 -4.25 9.63
N ASN A 248 11.11 -4.67 10.88
CA ASN A 248 12.10 -4.11 11.83
C ASN A 248 12.71 -5.26 12.62
N GLN A 249 13.24 -4.98 13.82
CA GLN A 249 13.85 -6.02 14.67
C GLN A 249 13.29 -5.96 16.10
N ILE A 250 12.00 -5.62 16.21
CA ILE A 250 11.36 -5.40 17.50
C ILE A 250 10.97 -6.70 18.18
N SER A 251 11.26 -6.76 19.49
CA SER A 251 10.83 -7.89 20.34
C SER A 251 9.97 -7.43 21.53
N ASN A 252 10.29 -6.24 22.08
CA ASN A 252 9.63 -5.80 23.31
C ASN A 252 8.48 -4.82 23.03
N LEU A 253 7.27 -5.37 23.18
CA LEU A 253 6.03 -4.64 22.91
C LEU A 253 5.42 -3.92 24.08
N ALA A 254 6.03 -4.10 25.26
CA ALA A 254 5.58 -3.41 26.51
C ALA A 254 5.28 -1.89 26.30
N PRO A 255 6.14 -1.12 25.55
CA PRO A 255 5.82 0.32 25.30
C PRO A 255 4.49 0.60 24.60
N LEU A 256 3.91 -0.39 23.91
CA LEU A 256 2.64 -0.20 23.20
C LEU A 256 1.39 -0.40 24.06
N SER A 257 1.58 -0.97 25.26
CA SER A 257 0.46 -1.42 26.14
C SER A 257 -0.56 -0.37 26.51
N GLY A 258 -0.11 0.89 26.64
CA GLY A 258 -1.02 2.01 27.00
C GLY A 258 -1.57 2.76 25.80
N LEU A 259 -1.21 2.32 24.59
CA LEU A 259 -1.64 3.03 23.37
C LEU A 259 -3.06 2.59 22.97
N THR A 260 -4.01 2.86 23.87
CA THR A 260 -5.36 2.26 23.75
C THR A 260 -6.25 2.87 22.69
N LYS A 261 -5.85 3.98 22.06
N LYS A 261 -5.81 3.98 22.06
CA LYS A 261 -6.59 4.55 20.91
CA LYS A 261 -6.52 4.61 20.91
C LYS A 261 -6.29 3.79 19.59
C LYS A 261 -6.14 3.95 19.56
N LEU A 262 -5.23 2.97 19.59
CA LEU A 262 -4.85 2.21 18.37
C LEU A 262 -6.01 1.40 17.75
N THR A 263 -6.30 1.66 16.48
CA THR A 263 -7.27 0.85 15.75
C THR A 263 -6.55 0.03 14.68
N GLU A 264 -5.35 0.47 14.27
CA GLU A 264 -4.54 -0.34 13.30
C GLU A 264 -3.14 -0.43 13.75
N LEU A 265 -2.63 -1.68 13.79
CA LEU A 265 -1.29 -1.93 14.27
C LEU A 265 -0.62 -2.97 13.42
N LYS A 266 0.50 -2.58 12.82
CA LYS A 266 1.28 -3.49 11.97
C LYS A 266 2.62 -3.79 12.61
N LEU A 267 2.84 -5.08 12.87
CA LEU A 267 4.04 -5.59 13.59
C LEU A 267 4.67 -6.82 12.89
N GLY A 268 4.29 -7.03 11.62
CA GLY A 268 4.79 -8.18 10.86
C GLY A 268 6.30 -8.07 10.64
N ALA A 269 6.97 -9.21 10.53
CA ALA A 269 8.43 -9.26 10.19
C ALA A 269 9.29 -8.51 11.22
N ASN A 270 9.20 -9.00 12.45
CA ASN A 270 9.90 -8.50 13.62
C ASN A 270 10.42 -9.72 14.39
N GLN A 271 10.68 -9.56 15.69
CA GLN A 271 11.25 -10.66 16.49
C GLN A 271 10.39 -10.90 17.76
N ILE A 272 9.08 -10.91 17.56
CA ILE A 272 8.13 -10.97 18.67
C ILE A 272 7.77 -12.38 19.06
N SER A 273 7.83 -12.65 20.37
CA SER A 273 7.38 -13.95 20.92
C SER A 273 6.26 -13.76 21.99
N ASN A 274 6.18 -12.54 22.51
CA ASN A 274 5.27 -12.20 23.61
C ASN A 274 4.27 -11.10 23.22
N ILE A 275 3.00 -11.46 23.09
CA ILE A 275 1.99 -10.48 22.75
C ILE A 275 1.07 -10.09 23.91
N SER A 276 1.41 -10.50 25.14
CA SER A 276 0.66 -10.06 26.33
C SER A 276 0.51 -8.52 26.38
N PRO A 277 1.58 -7.73 26.05
CA PRO A 277 1.36 -6.30 26.02
C PRO A 277 0.23 -5.75 25.11
N LEU A 278 -0.24 -6.54 24.12
CA LEU A 278 -1.35 -6.10 23.20
C LEU A 278 -2.75 -6.30 23.74
N ALA A 279 -2.85 -7.02 24.85
CA ALA A 279 -4.11 -7.42 25.47
C ALA A 279 -5.13 -6.32 25.68
N GLY A 280 -4.68 -5.12 26.06
CA GLY A 280 -5.61 -4.01 26.33
C GLY A 280 -5.94 -3.17 25.10
N LEU A 281 -5.39 -3.55 23.94
CA LEU A 281 -5.57 -2.72 22.72
C LEU A 281 -6.87 -3.10 21.99
N THR A 282 -7.99 -2.98 22.71
CA THR A 282 -9.31 -3.50 22.29
C THR A 282 -10.01 -2.73 21.15
N ALA A 283 -9.46 -1.56 20.79
CA ALA A 283 -10.03 -0.80 19.68
C ALA A 283 -9.44 -1.27 18.36
N LEU A 284 -8.43 -2.17 18.41
CA LEU A 284 -7.86 -2.70 17.16
C LEU A 284 -8.89 -3.40 16.26
N THR A 285 -8.88 -2.99 15.00
CA THR A 285 -9.66 -3.63 13.96
C THR A 285 -8.71 -4.33 13.01
N ASN A 286 -7.48 -3.81 12.87
CA ASN A 286 -6.44 -4.48 12.04
C ASN A 286 -5.23 -4.75 12.84
N LEU A 287 -4.76 -6.00 12.80
CA LEU A 287 -3.49 -6.35 13.47
C LEU A 287 -2.67 -7.30 12.62
N GLU A 288 -1.41 -6.93 12.38
CA GLU A 288 -0.49 -7.80 11.60
C GLU A 288 0.64 -8.28 12.47
N LEU A 289 0.74 -9.60 12.57
CA LEU A 289 1.70 -10.28 13.41
C LEU A 289 2.48 -11.38 12.70
N ASN A 290 2.38 -11.39 11.38
CA ASN A 290 3.08 -12.37 10.54
C ASN A 290 4.57 -12.34 10.72
N GLU A 291 5.24 -13.44 10.38
CA GLU A 291 6.74 -13.46 10.33
C GLU A 291 7.38 -12.99 11.64
N ASN A 292 6.95 -13.62 12.72
CA ASN A 292 7.51 -13.35 14.05
C ASN A 292 7.91 -14.70 14.62
N GLN A 293 7.98 -14.81 15.95
N GLN A 293 7.97 -14.88 15.94
CA GLN A 293 8.36 -16.02 16.68
CA GLN A 293 8.29 -16.19 16.51
C GLN A 293 7.20 -16.38 17.65
C GLN A 293 7.24 -16.59 17.53
N LEU A 294 5.98 -16.37 17.16
CA LEU A 294 4.83 -16.64 18.03
C LEU A 294 4.49 -18.10 18.18
N GLU A 295 4.15 -18.50 19.40
N GLU A 295 4.16 -18.49 19.40
CA GLU A 295 3.58 -19.82 19.65
CA GLU A 295 3.61 -19.80 19.73
C GLU A 295 2.30 -19.62 20.49
C GLU A 295 2.31 -19.56 20.46
N ASP A 296 2.42 -18.99 21.66
CA ASP A 296 1.27 -18.68 22.52
C ASP A 296 0.68 -17.37 22.08
N ILE A 297 -0.44 -17.47 21.37
CA ILE A 297 -1.15 -16.30 20.90
C ILE A 297 -2.43 -16.07 21.71
N SER A 298 -2.56 -16.73 22.88
CA SER A 298 -3.74 -16.59 23.78
C SER A 298 -4.19 -15.14 24.10
N PRO A 299 -3.23 -14.15 24.30
CA PRO A 299 -3.64 -12.76 24.56
C PRO A 299 -4.47 -12.09 23.45
N ILE A 300 -4.42 -12.64 22.24
CA ILE A 300 -5.18 -12.15 21.11
C ILE A 300 -6.70 -12.27 21.29
N SER A 301 -7.15 -13.20 22.17
CA SER A 301 -8.59 -13.44 22.39
C SER A 301 -9.32 -12.19 22.93
N ASN A 302 -8.54 -11.27 23.50
CA ASN A 302 -9.06 -10.02 24.05
C ASN A 302 -9.49 -9.01 22.97
N LEU A 303 -8.94 -9.18 21.76
CA LEU A 303 -9.12 -8.18 20.67
C LEU A 303 -10.40 -8.40 19.85
N LYS A 304 -11.52 -8.20 20.53
CA LYS A 304 -12.87 -8.54 20.01
C LYS A 304 -13.34 -7.83 18.74
N ASN A 305 -12.70 -6.69 18.43
CA ASN A 305 -13.11 -5.87 17.30
C ASN A 305 -12.32 -6.09 16.01
N LEU A 306 -11.35 -7.01 16.07
CA LEU A 306 -10.55 -7.33 14.90
C LEU A 306 -11.41 -7.80 13.73
N THR A 307 -11.16 -7.21 12.56
CA THR A 307 -11.79 -7.65 11.33
C THR A 307 -10.70 -8.16 10.35
N TYR A 308 -9.43 -7.82 10.62
CA TYR A 308 -8.28 -8.20 9.76
C TYR A 308 -7.15 -8.65 10.65
N LEU A 309 -6.64 -9.88 10.41
CA LEU A 309 -5.52 -10.43 11.20
C LEU A 309 -4.59 -11.30 10.42
N THR A 310 -3.29 -11.05 10.57
CA THR A 310 -2.27 -11.90 9.93
C THR A 310 -1.43 -12.52 11.02
N LEU A 311 -1.13 -13.80 10.80
CA LEU A 311 -0.34 -14.61 11.72
C LEU A 311 0.60 -15.56 10.99
N TYR A 312 0.72 -15.38 9.66
CA TYR A 312 1.47 -16.32 8.82
C TYR A 312 2.96 -16.33 9.14
N PHE A 313 3.60 -17.47 8.91
CA PHE A 313 5.03 -17.61 9.21
C PHE A 313 5.34 -17.36 10.70
N ASN A 314 4.78 -18.21 11.55
CA ASN A 314 5.11 -18.23 12.96
C ASN A 314 5.33 -19.69 13.38
N ASN A 315 5.19 -19.98 14.66
CA ASN A 315 5.34 -21.32 15.23
C ASN A 315 4.06 -21.72 16.01
N ILE A 316 2.91 -21.39 15.45
CA ILE A 316 1.65 -21.62 16.13
C ILE A 316 1.08 -22.99 15.87
N SER A 317 0.77 -23.72 16.95
N SER A 317 0.76 -23.72 16.95
CA SER A 317 0.06 -25.00 16.86
CA SER A 317 0.07 -25.04 16.86
C SER A 317 -1.43 -24.78 17.14
C SER A 317 -1.38 -25.00 17.37
N ASP A 318 -1.71 -23.98 18.16
CA ASP A 318 -3.10 -23.79 18.67
C ASP A 318 -3.70 -22.48 18.19
N ILE A 319 -4.58 -22.58 17.19
CA ILE A 319 -5.25 -21.43 16.57
C ILE A 319 -6.49 -21.00 17.37
N SER A 320 -6.95 -21.81 18.34
CA SER A 320 -8.26 -21.54 19.03
C SER A 320 -8.42 -20.11 19.64
N PRO A 321 -7.31 -19.44 20.10
CA PRO A 321 -7.51 -18.02 20.52
C PRO A 321 -8.15 -17.11 19.47
N VAL A 322 -7.98 -17.39 18.18
CA VAL A 322 -8.58 -16.53 17.15
C VAL A 322 -10.10 -16.76 17.04
N SER A 323 -10.57 -17.90 17.56
CA SER A 323 -11.99 -18.28 17.44
C SER A 323 -12.94 -17.35 18.20
N SER A 324 -12.38 -16.60 19.18
CA SER A 324 -13.07 -15.54 19.97
C SER A 324 -13.38 -14.28 19.12
N LEU A 325 -12.63 -14.14 18.03
CA LEU A 325 -12.65 -12.92 17.18
C LEU A 325 -13.72 -13.03 16.14
N THR A 326 -14.97 -12.89 16.61
CA THR A 326 -16.15 -13.24 15.82
C THR A 326 -16.42 -12.29 14.67
N LYS A 327 -15.81 -11.09 14.72
CA LYS A 327 -15.94 -10.08 13.67
CA LYS A 327 -15.95 -10.10 13.65
C LYS A 327 -14.92 -10.29 12.52
N LEU A 328 -13.99 -11.25 12.68
CA LEU A 328 -12.98 -11.48 11.64
C LEU A 328 -13.58 -11.71 10.28
N GLN A 329 -13.05 -10.94 9.33
N GLN A 329 -13.05 -10.97 9.31
CA GLN A 329 -13.47 -11.04 7.94
CA GLN A 329 -13.48 -11.08 7.94
C GLN A 329 -12.37 -11.63 7.09
C GLN A 329 -12.36 -11.61 7.06
N ARG A 330 -11.11 -11.32 7.43
CA ARG A 330 -9.91 -11.84 6.72
C ARG A 330 -8.90 -12.34 7.73
N LEU A 331 -8.53 -13.61 7.57
CA LEU A 331 -7.57 -14.29 8.48
C LEU A 331 -6.49 -15.02 7.69
N PHE A 332 -5.23 -14.72 7.97
CA PHE A 332 -4.09 -15.32 7.26
C PHE A 332 -3.17 -16.00 8.24
N PHE A 333 -3.08 -17.33 8.18
CA PHE A 333 -2.16 -18.05 9.10
C PHE A 333 -1.35 -19.17 8.43
N SER A 334 -1.01 -19.01 7.14
CA SER A 334 -0.19 -20.01 6.43
C SER A 334 1.13 -20.22 7.12
N ASN A 335 1.78 -21.37 6.90
CA ASN A 335 3.10 -21.54 7.44
C ASN A 335 3.12 -21.53 8.98
N ASN A 336 2.25 -22.36 9.55
CA ASN A 336 2.26 -22.61 11.01
C ASN A 336 2.15 -24.12 11.19
N LYS A 337 1.72 -24.57 12.36
CA LYS A 337 1.64 -25.99 12.68
CA LYS A 337 1.64 -25.99 12.71
C LYS A 337 0.22 -26.37 13.15
N VAL A 338 -0.78 -25.66 12.62
CA VAL A 338 -2.19 -25.91 13.01
C VAL A 338 -2.73 -27.20 12.33
N SER A 339 -3.34 -28.08 13.12
CA SER A 339 -4.01 -29.25 12.57
C SER A 339 -5.55 -29.11 12.76
N ASP A 340 -5.98 -28.91 14.00
CA ASP A 340 -7.40 -28.77 14.35
C ASP A 340 -7.92 -27.36 13.99
N VAL A 341 -8.81 -27.29 12.98
CA VAL A 341 -9.40 -26.00 12.61
C VAL A 341 -10.84 -25.89 13.06
N SER A 342 -11.26 -26.84 13.91
CA SER A 342 -12.70 -26.85 14.31
C SER A 342 -13.18 -25.59 15.00
N SER A 343 -12.30 -24.90 15.76
CA SER A 343 -12.70 -23.65 16.43
C SER A 343 -13.07 -22.51 15.43
N LEU A 344 -12.56 -22.60 14.21
CA LEU A 344 -12.81 -21.57 13.19
C LEU A 344 -14.23 -21.58 12.66
N ALA A 345 -15.00 -22.66 12.96
CA ALA A 345 -16.45 -22.72 12.64
C ALA A 345 -17.20 -21.51 13.30
N ASN A 346 -16.58 -20.92 14.33
CA ASN A 346 -17.12 -19.78 15.06
C ASN A 346 -16.95 -18.43 14.37
N LEU A 347 -16.13 -18.42 13.31
CA LEU A 347 -15.87 -17.19 12.52
C LEU A 347 -16.90 -17.05 11.40
N THR A 348 -18.11 -16.71 11.83
CA THR A 348 -19.30 -16.65 10.94
C THR A 348 -19.27 -15.50 9.92
N ASN A 349 -18.40 -14.53 10.14
CA ASN A 349 -18.22 -13.38 9.21
C ASN A 349 -17.02 -13.51 8.27
N ILE A 350 -16.25 -14.59 8.41
CA ILE A 350 -15.05 -14.77 7.59
C ILE A 350 -15.37 -14.77 6.06
N ASN A 351 -14.58 -14.01 5.32
CA ASN A 351 -14.61 -13.93 3.85
C ASN A 351 -13.32 -14.52 3.22
N TRP A 352 -12.15 -14.18 3.77
CA TRP A 352 -10.87 -14.66 3.25
C TRP A 352 -10.22 -15.54 4.32
N LEU A 353 -9.88 -16.77 3.97
CA LEU A 353 -9.27 -17.70 4.93
C LEU A 353 -8.07 -18.31 4.28
N SER A 354 -6.88 -17.93 4.76
CA SER A 354 -5.62 -18.37 4.16
C SER A 354 -4.88 -19.27 5.15
N ALA A 355 -4.84 -20.58 4.87
CA ALA A 355 -4.30 -21.56 5.84
C ALA A 355 -3.40 -22.61 5.24
N GLY A 356 -2.77 -22.29 4.12
CA GLY A 356 -1.86 -23.27 3.48
C GLY A 356 -0.64 -23.51 4.33
N HIS A 357 0.12 -24.57 4.06
CA HIS A 357 1.36 -24.85 4.83
C HIS A 357 1.12 -24.96 6.34
N ASN A 358 0.08 -25.66 6.70
CA ASN A 358 -0.15 -26.05 8.09
C ASN A 358 -0.15 -27.58 8.17
N GLN A 359 -0.94 -28.15 9.08
CA GLN A 359 -1.02 -29.65 9.23
C GLN A 359 -2.51 -30.06 9.22
N ILE A 360 -3.28 -29.39 8.37
CA ILE A 360 -4.73 -29.57 8.31
C ILE A 360 -5.05 -30.83 7.48
N SER A 361 -5.83 -31.72 8.09
CA SER A 361 -6.21 -32.97 7.46
C SER A 361 -7.70 -33.13 7.20
N ASP A 362 -8.51 -32.28 7.80
CA ASP A 362 -9.98 -32.44 7.81
C ASP A 362 -10.68 -31.09 7.68
N LEU A 363 -11.35 -30.92 6.55
CA LEU A 363 -12.08 -29.67 6.25
C LEU A 363 -13.52 -29.60 6.76
N THR A 364 -14.04 -30.73 7.26
CA THR A 364 -15.47 -30.78 7.69
C THR A 364 -15.94 -29.64 8.62
N PRO A 365 -15.10 -29.19 9.63
CA PRO A 365 -15.63 -28.13 10.53
C PRO A 365 -15.90 -26.79 9.82
N LEU A 366 -15.33 -26.64 8.62
CA LEU A 366 -15.44 -25.41 7.82
C LEU A 366 -16.64 -25.37 6.89
N ALA A 367 -17.38 -26.49 6.80
CA ALA A 367 -18.50 -26.71 5.82
C ALA A 367 -19.55 -25.62 5.74
N ASN A 368 -19.90 -25.01 6.88
CA ASN A 368 -20.91 -23.94 6.97
C ASN A 368 -20.39 -22.52 6.75
N LEU A 369 -19.09 -22.37 6.44
CA LEU A 369 -18.53 -21.02 6.20
C LEU A 369 -18.78 -20.59 4.73
N THR A 370 -20.04 -20.45 4.40
CA THR A 370 -20.48 -20.27 2.99
C THR A 370 -20.30 -18.85 2.46
N ARG A 371 -19.87 -17.91 3.33
CA ARG A 371 -19.62 -16.54 2.90
CA ARG A 371 -19.56 -16.51 2.99
C ARG A 371 -18.17 -16.35 2.45
N ILE A 372 -17.36 -17.42 2.57
CA ILE A 372 -16.00 -17.39 2.07
C ILE A 372 -16.00 -17.03 0.56
N THR A 373 -15.07 -16.16 0.20
CA THR A 373 -14.82 -15.77 -1.18
C THR A 373 -13.42 -16.05 -1.62
N GLN A 374 -12.51 -16.19 -0.65
CA GLN A 374 -11.07 -16.49 -0.92
C GLN A 374 -10.61 -17.50 0.08
N LEU A 375 -9.87 -18.50 -0.42
CA LEU A 375 -9.50 -19.65 0.38
C LEU A 375 -8.16 -20.16 -0.07
N GLY A 376 -7.35 -20.57 0.90
CA GLY A 376 -6.06 -21.17 0.66
C GLY A 376 -5.84 -22.34 1.58
N LEU A 377 -5.65 -23.55 1.01
CA LEU A 377 -5.39 -24.75 1.81
C LEU A 377 -4.26 -25.64 1.26
N ASN A 378 -3.44 -25.08 0.39
CA ASN A 378 -2.41 -25.89 -0.28
C ASN A 378 -1.25 -26.22 0.60
N ASP A 379 -0.62 -27.35 0.26
CA ASP A 379 0.68 -27.75 0.83
C ASP A 379 0.75 -27.95 2.32
N GLN A 380 -0.22 -28.67 2.82
CA GLN A 380 -0.16 -29.14 4.19
C GLN A 380 0.98 -30.18 4.31
N ALA A 381 1.47 -30.39 5.51
CA ALA A 381 2.41 -31.50 5.76
C ALA A 381 2.36 -31.87 7.21
N TRP A 382 2.39 -33.17 7.48
CA TRP A 382 2.55 -33.64 8.88
C TRP A 382 3.23 -34.98 8.89
N THR A 383 3.80 -35.28 10.05
CA THR A 383 4.43 -36.54 10.29
C THR A 383 3.64 -37.28 11.35
N ASN A 384 3.20 -38.49 10.98
CA ASN A 384 2.53 -39.40 11.89
C ASN A 384 3.46 -39.92 13.00
N ALA A 385 2.86 -40.29 14.14
CA ALA A 385 3.57 -41.00 15.16
C ALA A 385 4.12 -42.32 14.54
N PRO A 386 5.38 -42.75 14.89
CA PRO A 386 5.93 -43.99 14.27
C PRO A 386 5.03 -45.22 14.47
N VAL A 387 4.91 -46.08 13.46
CA VAL A 387 4.19 -47.37 13.64
C VAL A 387 5.23 -48.46 13.43
N ASN A 388 4.95 -49.68 13.90
CA ASN A 388 5.89 -50.78 13.64
C ASN A 388 5.97 -51.15 12.18
N TYR A 389 7.21 -51.37 11.75
CA TYR A 389 7.48 -51.91 10.46
C TYR A 389 6.99 -53.35 10.43
N LYS A 390 6.41 -53.71 9.29
CA LYS A 390 6.07 -55.08 8.92
C LYS A 390 5.89 -55.03 7.41
N ALA A 391 6.22 -56.14 6.76
CA ALA A 391 6.17 -56.22 5.28
C ALA A 391 4.82 -55.74 4.66
N ASN A 392 3.69 -56.03 5.34
CA ASN A 392 2.36 -55.66 4.83
C ASN A 392 1.74 -54.49 5.60
N VAL A 393 2.62 -53.57 6.04
CA VAL A 393 2.20 -52.39 6.84
C VAL A 393 1.09 -51.62 6.09
N SER A 394 0.14 -51.14 6.87
CA SER A 394 -1.01 -50.42 6.37
C SER A 394 -1.37 -49.33 7.36
N ILE A 395 -1.77 -48.18 6.86
CA ILE A 395 -2.25 -47.10 7.71
C ILE A 395 -3.53 -46.58 7.09
N PRO A 396 -4.46 -46.04 7.91
CA PRO A 396 -5.63 -45.35 7.35
C PRO A 396 -5.30 -44.02 6.76
N ASN A 397 -6.05 -43.70 5.69
CA ASN A 397 -6.02 -42.40 5.07
C ASN A 397 -6.87 -41.50 5.95
N THR A 398 -6.30 -40.37 6.42
CA THR A 398 -7.05 -39.50 7.38
C THR A 398 -7.58 -38.23 6.69
N VAL A 399 -7.22 -38.09 5.40
CA VAL A 399 -7.46 -36.81 4.67
C VAL A 399 -8.93 -36.68 4.24
N LYS A 400 -9.61 -35.68 4.81
CA LYS A 400 -11.08 -35.60 4.64
C LYS A 400 -11.52 -34.25 4.07
N ASN A 401 -12.31 -34.32 3.02
CA ASN A 401 -12.82 -33.14 2.34
C ASN A 401 -13.94 -32.50 3.18
N VAL A 402 -14.32 -31.29 2.79
CA VAL A 402 -15.37 -30.53 3.46
C VAL A 402 -16.76 -31.30 3.48
N THR A 403 -16.95 -32.20 2.50
CA THR A 403 -18.18 -33.01 2.32
C THR A 403 -18.21 -34.18 3.30
N GLY A 404 -17.08 -34.44 3.95
CA GLY A 404 -16.94 -35.58 4.88
C GLY A 404 -16.35 -36.82 4.23
N ALA A 405 -16.15 -36.76 2.92
CA ALA A 405 -15.58 -37.88 2.17
C ALA A 405 -14.08 -37.87 2.26
N LEU A 406 -13.48 -39.06 2.38
CA LEU A 406 -12.03 -39.14 2.32
C LEU A 406 -11.54 -38.79 0.93
N ILE A 407 -10.37 -38.13 0.89
CA ILE A 407 -9.71 -37.80 -0.36
C ILE A 407 -8.66 -38.88 -0.66
N ALA A 408 -8.82 -39.61 -1.76
CA ALA A 408 -7.87 -40.64 -2.14
C ALA A 408 -6.49 -40.03 -2.40
N PRO A 409 -5.41 -40.69 -1.91
CA PRO A 409 -4.03 -40.27 -2.17
C PRO A 409 -3.76 -39.96 -3.65
N ALA A 410 -2.92 -38.96 -3.90
CA ALA A 410 -2.53 -38.58 -5.25
C ALA A 410 -1.40 -39.52 -5.64
N THR A 411 -0.44 -39.70 -4.74
CA THR A 411 0.69 -40.62 -4.96
C THR A 411 0.91 -41.33 -3.63
N ILE A 412 1.54 -42.51 -3.70
CA ILE A 412 1.87 -43.30 -2.53
C ILE A 412 3.29 -43.82 -2.78
N SER A 413 4.14 -43.67 -1.75
CA SER A 413 5.56 -44.03 -1.89
C SER A 413 5.74 -45.56 -1.94
N ASP A 414 6.94 -46.00 -2.35
CA ASP A 414 7.31 -47.43 -2.26
C ASP A 414 6.31 -48.43 -2.94
N GLY A 415 5.71 -47.99 -4.04
CA GLY A 415 4.74 -48.79 -4.79
C GLY A 415 3.49 -49.20 -4.02
N GLY A 416 3.18 -48.46 -2.93
CA GLY A 416 1.99 -48.73 -2.07
C GLY A 416 0.66 -48.52 -2.78
N SER A 417 -0.44 -49.03 -2.19
CA SER A 417 -1.77 -48.92 -2.84
C SER A 417 -2.86 -48.56 -1.87
N TYR A 418 -3.96 -48.07 -2.43
CA TYR A 418 -5.09 -47.61 -1.66
C TYR A 418 -6.38 -48.32 -2.01
N THR A 419 -7.10 -48.72 -0.98
CA THR A 419 -8.47 -49.25 -1.05
C THR A 419 -9.15 -48.59 0.14
N GLU A 420 -10.02 -47.61 -0.13
CA GLU A 420 -10.68 -46.83 0.93
C GLU A 420 -11.10 -47.72 2.13
N PRO A 421 -10.70 -47.36 3.38
CA PRO A 421 -9.89 -46.19 3.78
C PRO A 421 -8.38 -46.44 3.95
N ASP A 422 -7.90 -47.61 3.56
CA ASP A 422 -6.54 -48.05 3.95
C ASP A 422 -5.49 -47.97 2.89
N ILE A 423 -4.32 -47.45 3.29
CA ILE A 423 -3.15 -47.39 2.41
C ILE A 423 -2.30 -48.55 2.86
N THR A 424 -1.88 -49.41 1.90
CA THR A 424 -1.17 -50.63 2.23
C THR A 424 0.09 -50.74 1.41
N TRP A 425 1.18 -51.09 2.08
CA TRP A 425 2.48 -51.32 1.42
C TRP A 425 2.75 -52.82 1.38
N ASN A 426 3.77 -53.19 0.61
CA ASN A 426 4.20 -54.56 0.47
C ASN A 426 5.72 -54.44 0.38
N LEU A 427 6.37 -54.32 1.54
CA LEU A 427 7.81 -54.00 1.63
C LEU A 427 8.73 -55.23 1.74
N PRO A 428 9.79 -55.30 0.91
CA PRO A 428 10.64 -56.52 0.89
C PRO A 428 11.62 -56.62 2.06
N SER A 429 11.92 -55.47 2.66
CA SER A 429 12.90 -55.30 3.69
C SER A 429 12.46 -54.15 4.58
N TYR A 430 13.11 -54.00 5.75
CA TYR A 430 12.86 -52.85 6.63
C TYR A 430 13.15 -51.57 5.88
N THR A 431 12.25 -50.59 6.01
CA THR A 431 12.49 -49.20 5.55
C THR A 431 12.01 -48.22 6.63
N ASN A 432 12.72 -47.09 6.77
CA ASN A 432 12.53 -46.21 7.90
C ASN A 432 11.28 -45.37 7.83
N GLU A 433 10.73 -45.21 6.61
CA GLU A 433 9.51 -44.39 6.41
CA GLU A 433 9.59 -44.35 6.38
C GLU A 433 8.86 -44.69 5.08
N VAL A 434 7.57 -44.40 5.05
CA VAL A 434 6.74 -44.49 3.85
C VAL A 434 5.92 -43.16 3.91
N SER A 435 5.22 -42.84 2.83
CA SER A 435 4.55 -41.56 2.75
C SER A 435 3.52 -41.57 1.65
N TYR A 436 2.65 -40.56 1.66
CA TYR A 436 1.71 -40.34 0.58
C TYR A 436 1.43 -38.87 0.42
N THR A 437 0.89 -38.53 -0.74
CA THR A 437 0.51 -37.16 -0.99
C THR A 437 -0.98 -37.13 -1.39
N PHE A 438 -1.58 -35.95 -1.31
CA PHE A 438 -2.94 -35.71 -1.78
C PHE A 438 -3.00 -34.35 -2.46
N SER A 439 -3.95 -34.19 -3.37
CA SER A 439 -4.13 -32.92 -4.07
C SER A 439 -5.53 -32.92 -4.58
N GLN A 440 -6.31 -32.00 -4.05
CA GLN A 440 -7.73 -31.97 -4.33
C GLN A 440 -8.25 -30.54 -4.42
N PRO A 441 -8.60 -30.07 -5.64
CA PRO A 441 -9.33 -28.80 -5.69
C PRO A 441 -10.59 -28.83 -4.86
N VAL A 442 -10.90 -27.71 -4.22
CA VAL A 442 -12.13 -27.61 -3.43
C VAL A 442 -12.59 -26.16 -3.41
N THR A 443 -13.91 -25.99 -3.34
CA THR A 443 -14.53 -24.68 -3.15
C THR A 443 -15.40 -24.69 -1.89
N ILE A 444 -15.24 -23.66 -1.06
CA ILE A 444 -16.18 -23.47 0.09
C ILE A 444 -16.82 -22.09 -0.11
N GLY A 445 -18.15 -22.06 -0.28
CA GLY A 445 -18.87 -20.80 -0.62
C GLY A 445 -18.43 -20.47 -2.04
N LYS A 446 -17.71 -19.35 -2.19
CA LYS A 446 -17.11 -18.96 -3.51
C LYS A 446 -15.57 -18.99 -3.52
N GLY A 447 -14.97 -19.37 -2.40
CA GLY A 447 -13.49 -19.48 -2.28
C GLY A 447 -12.95 -20.82 -2.73
N THR A 448 -12.06 -20.76 -3.73
CA THR A 448 -11.48 -21.95 -4.39
C THR A 448 -10.00 -22.10 -4.12
N THR A 449 -9.57 -23.34 -3.88
CA THR A 449 -8.17 -23.64 -3.59
C THR A 449 -7.86 -25.08 -3.94
N THR A 450 -6.58 -25.46 -3.84
CA THR A 450 -6.25 -26.88 -3.94
C THR A 450 -5.88 -27.28 -2.51
N PHE A 451 -6.65 -28.20 -1.95
CA PHE A 451 -6.31 -28.79 -0.64
C PHE A 451 -5.30 -29.91 -0.96
N SER A 452 -4.05 -29.70 -0.55
CA SER A 452 -2.98 -30.63 -0.95
C SER A 452 -2.03 -30.81 0.22
N GLY A 453 -1.23 -31.88 0.18
CA GLY A 453 -0.26 -32.09 1.22
C GLY A 453 0.54 -33.34 1.14
N THR A 454 1.46 -33.51 2.09
CA THR A 454 2.32 -34.68 2.13
C THR A 454 2.29 -35.20 3.55
N VAL A 455 2.11 -36.52 3.68
CA VAL A 455 1.98 -37.21 4.97
C VAL A 455 3.12 -38.20 5.11
N THR A 456 3.90 -38.05 6.18
CA THR A 456 5.06 -38.89 6.42
C THR A 456 4.74 -39.87 7.56
N GLN A 457 5.04 -41.14 7.28
CA GLN A 457 4.82 -42.25 8.22
C GLN A 457 6.13 -42.90 8.61
N PRO A 458 6.72 -42.54 9.79
CA PRO A 458 7.95 -43.24 10.21
C PRO A 458 7.65 -44.68 10.59
N LEU A 459 8.60 -45.56 10.30
CA LEU A 459 8.49 -46.96 10.66
C LEU A 459 9.61 -47.34 11.63
N LYS A 460 9.24 -47.93 12.76
CA LYS A 460 10.23 -48.35 13.78
CA LYS A 460 10.20 -48.37 13.80
C LYS A 460 10.67 -49.81 13.57
N ALA A 461 9.73 -50.69 13.28
N PRO B 2 -7.61 -18.96 -6.69
N PRO B 2 -7.77 -18.89 -6.58
CA PRO B 2 -7.21 -17.59 -6.97
CA PRO B 2 -7.14 -17.63 -6.98
C PRO B 2 -6.54 -16.83 -5.83
C PRO B 2 -6.48 -16.88 -5.83
N LEU B 3 -6.83 -17.20 -4.57
CA LEU B 3 -6.16 -16.53 -3.40
C LEU B 3 -4.64 -16.74 -3.54
N GLY B 4 -4.22 -17.99 -3.74
CA GLY B 4 -2.79 -18.34 -3.81
C GLY B 4 -2.09 -17.80 -2.57
N SER B 5 -1.04 -17.02 -2.77
CA SER B 5 -0.29 -16.45 -1.63
C SER B 5 -0.49 -14.96 -1.42
N TRP B 6 -1.53 -14.39 -2.05
CA TRP B 6 -1.89 -12.98 -1.79
C TRP B 6 -2.21 -12.72 -0.33
N VAL B 7 -1.76 -11.56 0.14
CA VAL B 7 -2.10 -11.06 1.49
C VAL B 7 -2.50 -9.60 1.20
N ILE B 8 -3.79 -9.31 1.36
CA ILE B 8 -4.37 -8.02 1.01
C ILE B 8 -5.43 -7.60 2.00
N PRO B 9 -5.25 -6.38 2.61
CA PRO B 9 -6.27 -5.80 3.47
C PRO B 9 -7.36 -5.11 2.66
N PRO B 10 -8.60 -4.98 3.22
CA PRO B 10 -9.65 -4.24 2.52
C PRO B 10 -9.27 -2.78 2.34
N ILE B 11 -9.68 -2.22 1.21
CA ILE B 11 -9.27 -0.87 0.84
C ILE B 11 -10.44 0.10 0.81
N SER B 12 -10.30 1.14 1.64
N SER B 12 -10.27 1.12 1.63
CA SER B 12 -11.26 2.22 1.72
CA SER B 12 -11.18 2.20 1.72
C SER B 12 -10.51 3.52 1.91
C SER B 12 -10.36 3.49 1.71
N CYS B 13 -10.98 4.56 1.24
CA CYS B 13 -10.37 5.89 1.32
CA CYS B 13 -10.36 5.86 1.27
C CYS B 13 -11.44 6.91 1.57
N PRO B 14 -11.25 7.75 2.62
CA PRO B 14 -12.23 8.83 2.80
C PRO B 14 -12.09 9.82 1.64
N GLU B 15 -13.19 10.45 1.31
CA GLU B 15 -13.20 11.51 0.31
C GLU B 15 -12.62 12.75 0.96
N ASN B 16 -12.21 13.70 0.10
CA ASN B 16 -11.66 15.01 0.51
C ASN B 16 -10.44 14.92 1.42
N GLU B 17 -9.61 13.88 1.27
CA GLU B 17 -8.41 13.77 2.10
C GLU B 17 -7.50 14.95 1.85
N LYS B 18 -6.75 15.36 2.85
CA LYS B 18 -5.72 16.40 2.69
CA LYS B 18 -5.73 16.40 2.62
C LYS B 18 -4.38 15.71 2.38
N GLY B 19 -3.47 16.45 1.77
CA GLY B 19 -2.15 15.94 1.47
C GLY B 19 -1.28 15.69 2.72
N PRO B 20 0.01 15.38 2.52
CA PRO B 20 0.63 15.37 1.17
C PRO B 20 0.26 14.11 0.38
N PHE B 21 0.09 14.29 -0.93
CA PHE B 21 -0.16 13.17 -1.83
C PHE B 21 1.20 12.79 -2.46
N PRO B 22 1.38 11.51 -2.87
CA PRO B 22 0.39 10.41 -2.78
C PRO B 22 0.26 9.89 -1.34
N LYS B 23 -0.94 9.41 -0.99
CA LYS B 23 -1.21 8.87 0.33
CA LYS B 23 -1.18 8.87 0.33
C LYS B 23 -1.21 7.34 0.32
N ASN B 24 -0.41 6.73 1.21
CA ASN B 24 -0.42 5.23 1.35
C ASN B 24 -1.80 4.74 1.78
N LEU B 25 -2.31 3.72 1.09
CA LEU B 25 -3.59 3.13 1.47
C LEU B 25 -3.35 1.84 2.22
N VAL B 26 -2.87 0.80 1.53
CA VAL B 26 -2.50 -0.48 2.12
C VAL B 26 -1.29 -1.00 1.36
N GLN B 27 -0.58 -1.90 2.01
CA GLN B 27 0.54 -2.57 1.43
C GLN B 27 0.06 -3.96 1.03
N ILE B 28 0.17 -4.24 -0.28
CA ILE B 28 -0.17 -5.53 -0.89
CA ILE B 28 -0.18 -5.58 -0.76
C ILE B 28 1.10 -6.41 -0.93
N LYS B 29 0.92 -7.70 -0.76
CA LYS B 29 2.02 -8.63 -0.72
CA LYS B 29 2.01 -8.65 -0.69
C LYS B 29 1.59 -10.00 -1.25
N SER B 30 2.58 -10.71 -1.80
CA SER B 30 2.45 -12.08 -2.17
C SER B 30 3.53 -12.82 -1.35
N ASN B 31 3.13 -13.90 -0.65
CA ASN B 31 4.08 -14.75 0.12
C ASN B 31 5.01 -15.58 -0.78
N LYS B 32 4.84 -15.43 -2.10
CA LYS B 32 5.80 -15.93 -3.09
C LYS B 32 7.13 -15.17 -2.96
N ASP B 33 7.11 -14.03 -2.26
CA ASP B 33 8.34 -13.25 -2.09
C ASP B 33 9.40 -13.95 -1.21
N LYS B 34 9.03 -15.08 -0.56
CA LYS B 34 9.97 -15.90 0.19
C LYS B 34 10.91 -16.71 -0.71
N GLU B 35 10.54 -16.88 -2.00
CA GLU B 35 11.36 -17.66 -2.93
CA GLU B 35 11.36 -17.66 -2.95
C GLU B 35 12.02 -16.83 -4.07
N GLY B 36 11.69 -15.56 -4.14
CA GLY B 36 12.27 -14.65 -5.13
C GLY B 36 11.62 -13.30 -5.05
N LYS B 37 12.26 -12.30 -5.64
CA LYS B 37 11.69 -10.95 -5.73
C LYS B 37 10.36 -10.95 -6.48
N VAL B 38 9.40 -10.25 -5.89
CA VAL B 38 8.08 -10.05 -6.52
C VAL B 38 7.88 -8.58 -6.86
N PHE B 39 7.28 -8.33 -8.03
CA PHE B 39 6.99 -7.00 -8.52
C PHE B 39 5.50 -6.85 -8.72
N TYR B 40 4.96 -5.77 -8.20
CA TYR B 40 3.51 -5.55 -8.17
C TYR B 40 3.04 -4.51 -9.16
N SER B 41 1.86 -4.76 -9.70
CA SER B 41 1.22 -3.80 -10.60
C SER B 41 -0.28 -3.84 -10.42
N ILE B 42 -0.94 -2.77 -10.89
CA ILE B 42 -2.38 -2.64 -10.83
C ILE B 42 -2.92 -2.21 -12.17
N THR B 43 -4.10 -2.74 -12.49
CA THR B 43 -4.82 -2.39 -13.73
C THR B 43 -6.25 -2.03 -13.33
N GLY B 44 -7.03 -1.41 -14.23
CA GLY B 44 -8.43 -1.07 -13.92
C GLY B 44 -8.71 0.40 -14.07
N GLN B 45 -10.00 0.74 -14.01
N GLN B 45 -9.99 0.75 -14.01
CA GLN B 45 -10.47 2.13 -14.11
CA GLN B 45 -10.49 2.12 -14.16
C GLN B 45 -9.97 2.85 -12.87
C GLN B 45 -10.06 2.90 -12.90
N GLY B 46 -9.20 3.90 -13.07
CA GLY B 46 -8.61 4.62 -11.92
C GLY B 46 -7.13 4.29 -11.78
N ALA B 47 -6.68 3.25 -12.52
CA ALA B 47 -5.29 2.80 -12.50
C ALA B 47 -4.68 3.02 -13.89
N ASP B 48 -4.84 2.04 -14.80
CA ASP B 48 -4.23 2.18 -16.16
C ASP B 48 -5.24 2.66 -17.22
N THR B 49 -6.52 2.67 -16.86
CA THR B 49 -7.55 3.24 -17.73
C THR B 49 -8.25 4.42 -16.98
N PRO B 50 -8.90 5.36 -17.73
CA PRO B 50 -9.57 6.57 -17.13
C PRO B 50 -10.48 6.37 -15.89
N PRO B 51 -10.31 7.22 -14.83
CA PRO B 51 -9.28 8.28 -14.67
C PRO B 51 -7.90 7.65 -14.31
N VAL B 52 -6.95 7.79 -15.25
CA VAL B 52 -5.62 7.14 -15.12
CA VAL B 52 -5.60 7.18 -15.16
C VAL B 52 -4.82 7.65 -13.91
N GLY B 53 -4.22 6.71 -13.19
CA GLY B 53 -3.36 7.02 -12.05
C GLY B 53 -3.91 7.74 -10.85
N VAL B 54 -5.22 7.59 -10.59
CA VAL B 54 -5.82 8.06 -9.33
C VAL B 54 -5.15 7.15 -8.28
N PHE B 55 -5.08 5.85 -8.58
CA PHE B 55 -4.35 4.87 -7.74
C PHE B 55 -3.14 4.40 -8.45
N ILE B 56 -2.05 4.20 -7.68
CA ILE B 56 -0.75 3.68 -8.17
C ILE B 56 -0.24 2.68 -7.16
N ILE B 57 0.70 1.84 -7.56
CA ILE B 57 1.33 0.91 -6.65
C ILE B 57 2.84 0.98 -6.84
N GLU B 58 3.56 0.95 -5.74
CA GLU B 58 5.03 0.95 -5.80
C GLU B 58 5.40 -0.48 -6.10
N ARG B 59 6.04 -0.68 -7.26
CA ARG B 59 6.27 -2.02 -7.81
C ARG B 59 7.15 -2.96 -6.95
N GLU B 60 8.05 -2.39 -6.14
N GLU B 60 8.06 -2.37 -6.16
CA GLU B 60 8.92 -3.20 -5.29
CA GLU B 60 8.99 -3.09 -5.29
C GLU B 60 8.39 -3.41 -3.87
C GLU B 60 8.40 -3.39 -3.90
N THR B 61 7.72 -2.40 -3.31
CA THR B 61 7.16 -2.49 -1.94
C THR B 61 5.68 -2.95 -1.83
N GLY B 62 4.94 -2.86 -2.95
CA GLY B 62 3.52 -3.20 -2.97
C GLY B 62 2.64 -2.16 -2.27
N TRP B 63 3.22 -0.99 -1.94
CA TRP B 63 2.46 0.09 -1.38
C TRP B 63 1.49 0.67 -2.40
N LEU B 64 0.21 0.45 -2.14
CA LEU B 64 -0.87 1.02 -2.96
C LEU B 64 -1.18 2.41 -2.43
N LYS B 65 -1.26 3.39 -3.34
CA LYS B 65 -1.38 4.78 -2.98
C LYS B 65 -2.43 5.51 -3.77
N VAL B 66 -3.04 6.51 -3.16
CA VAL B 66 -4.03 7.40 -3.89
C VAL B 66 -3.31 8.74 -4.17
N THR B 67 -3.47 9.29 -5.39
CA THR B 67 -2.62 10.44 -5.80
C THR B 67 -3.30 11.80 -5.71
N GLU B 68 -4.58 11.78 -5.38
CA GLU B 68 -5.38 12.99 -5.34
C GLU B 68 -6.64 12.79 -4.48
N PRO B 69 -7.29 13.92 -4.03
CA PRO B 69 -8.55 13.77 -3.27
C PRO B 69 -9.62 13.07 -4.11
N LEU B 70 -10.47 12.30 -3.42
CA LEU B 70 -11.59 11.58 -4.03
C LEU B 70 -12.86 12.31 -3.68
N ASP B 71 -13.90 11.99 -4.43
CA ASP B 71 -15.20 12.61 -4.29
C ASP B 71 -16.19 11.50 -4.50
N ARG B 72 -16.85 11.11 -3.39
CA ARG B 72 -17.79 9.99 -3.36
C ARG B 72 -18.98 10.17 -4.31
N GLU B 73 -19.47 11.40 -4.45
CA GLU B 73 -20.60 11.69 -5.35
C GLU B 73 -20.22 11.51 -6.83
N ARG B 74 -18.98 11.83 -7.19
CA ARG B 74 -18.50 11.67 -8.58
CA ARG B 74 -18.52 11.67 -8.56
C ARG B 74 -18.27 10.18 -8.88
N ILE B 75 -17.43 9.52 -8.07
CA ILE B 75 -17.14 8.10 -8.19
C ILE B 75 -17.09 7.53 -6.74
N ALA B 76 -18.04 6.64 -6.41
CA ALA B 76 -18.14 6.05 -5.04
C ALA B 76 -17.34 4.75 -4.82
N THR B 77 -16.97 4.11 -5.94
N THR B 77 -16.95 4.10 -5.94
CA THR B 77 -16.20 2.88 -5.92
CA THR B 77 -16.33 2.79 -5.95
C THR B 77 -15.28 2.72 -7.13
C THR B 77 -15.39 2.56 -7.17
N TYR B 78 -14.19 1.99 -6.94
CA TYR B 78 -13.25 1.63 -8.03
C TYR B 78 -12.94 0.15 -7.98
N THR B 79 -12.88 -0.49 -9.13
CA THR B 79 -12.52 -1.89 -9.24
C THR B 79 -11.17 -1.97 -9.91
N LEU B 80 -10.20 -2.49 -9.17
CA LEU B 80 -8.85 -2.67 -9.67
C LEU B 80 -8.45 -4.14 -9.66
N PHE B 81 -7.29 -4.42 -10.24
CA PHE B 81 -6.72 -5.78 -10.22
C PHE B 81 -5.26 -5.65 -9.90
N SER B 82 -4.81 -6.42 -8.89
CA SER B 82 -3.39 -6.51 -8.55
C SER B 82 -2.70 -7.69 -9.26
N HIS B 83 -1.43 -7.49 -9.62
CA HIS B 83 -0.64 -8.46 -10.37
C HIS B 83 0.66 -8.62 -9.66
N ALA B 84 1.19 -9.84 -9.69
CA ALA B 84 2.47 -10.15 -9.06
C ALA B 84 3.28 -11.01 -9.99
N VAL B 85 4.43 -10.50 -10.40
CA VAL B 85 5.34 -11.18 -11.34
C VAL B 85 6.73 -11.30 -10.77
N SER B 86 7.49 -12.25 -11.34
CA SER B 86 8.91 -12.42 -11.02
C SER B 86 9.76 -11.42 -11.84
N SER B 87 11.07 -11.44 -11.59
CA SER B 87 12.04 -10.61 -12.32
CA SER B 87 12.03 -10.60 -12.32
C SER B 87 12.10 -10.96 -13.82
N ASN B 88 11.55 -12.15 -14.15
CA ASN B 88 11.51 -12.71 -15.51
C ASN B 88 10.18 -12.49 -16.26
N GLY B 89 9.26 -11.73 -15.65
CA GLY B 89 7.94 -11.39 -16.26
C GLY B 89 6.80 -12.37 -16.02
N ASN B 90 7.11 -13.49 -15.37
CA ASN B 90 6.14 -14.56 -15.10
C ASN B 90 5.29 -14.32 -13.88
N ALA B 91 3.97 -14.42 -14.04
CA ALA B 91 3.03 -14.21 -12.92
C ALA B 91 3.27 -15.29 -11.88
N VAL B 92 3.30 -14.85 -10.63
CA VAL B 92 3.46 -15.75 -9.47
C VAL B 92 2.13 -15.86 -8.69
N GLU B 93 1.15 -15.08 -9.13
CA GLU B 93 -0.23 -15.10 -8.62
C GLU B 93 -1.20 -14.88 -9.76
N ASP B 94 -2.42 -15.35 -9.56
CA ASP B 94 -3.52 -15.04 -10.43
C ASP B 94 -3.92 -13.60 -10.05
N PRO B 95 -4.22 -12.73 -11.06
CA PRO B 95 -4.66 -11.34 -10.75
C PRO B 95 -5.82 -11.31 -9.74
N MET B 96 -5.74 -10.41 -8.77
CA MET B 96 -6.78 -10.33 -7.74
C MET B 96 -7.63 -9.09 -7.92
N GLU B 97 -8.92 -9.31 -8.13
CA GLU B 97 -9.86 -8.19 -8.24
C GLU B 97 -9.95 -7.52 -6.86
N ILE B 98 -9.76 -6.19 -6.84
CA ILE B 98 -9.80 -5.41 -5.60
C ILE B 98 -10.81 -4.26 -5.68
N LEU B 99 -11.66 -4.21 -4.67
CA LEU B 99 -12.65 -3.17 -4.57
C LEU B 99 -12.11 -2.02 -3.71
N ILE B 100 -12.25 -0.78 -4.20
CA ILE B 100 -11.90 0.41 -3.41
C ILE B 100 -13.20 1.16 -3.16
N THR B 101 -13.55 1.32 -1.88
CA THR B 101 -14.75 2.03 -1.44
C THR B 101 -14.37 3.45 -1.00
N VAL B 102 -15.10 4.44 -1.49
CA VAL B 102 -14.88 5.82 -1.08
C VAL B 102 -15.86 6.11 0.04
N THR B 103 -15.33 6.49 1.21
CA THR B 103 -16.20 6.75 2.40
C THR B 103 -16.34 8.25 2.72
N ASP B 104 -16.97 8.57 3.86
CA ASP B 104 -17.12 9.95 4.37
C ASP B 104 -15.75 10.60 4.61
CA CA C . 0.44 30.66 3.31
CL CL D . 4.66 -7.36 7.05
CL CL E . -11.16 23.70 -16.91
CA CA F . -18.77 14.92 -2.23
#